data_6DJ6
#
_entry.id   6DJ6
#
_cell.length_a   59.720
_cell.length_b   103.851
_cell.length_c   108.174
_cell.angle_alpha   90.00
_cell.angle_beta   90.00
_cell.angle_gamma   90.00
#
_symmetry.space_group_name_H-M   'P 21 21 21'
#
loop_
_entity.id
_entity.type
_entity.pdbx_description
1 polymer 'Fatty Acid Kinase (Fak) B2 protein (SPR1019)'
2 non-polymer GLYCEROL
3 non-polymer 'OLEIC ACID'
4 non-polymer 'SODIUM ION'
5 water water
#
_entity_poly.entity_id   1
_entity_poly.type   'polypeptide(L)'
_entity_poly.pdbx_seq_one_letter_code
;MGSSHHHHHHSSGLVPRGSHMASMTGGQQMGRDPMTKIKIVTDSSVTIEPELVKQLDITIVPLSVMIDNVVYSDADLKEE
GKFLQLMQESKNLPKTSQPPVGVFAEIFEDLCKDGGQILAIHMSHALSGTVEAARQGASLSTADVIVVDSSFTDQALKFQ
VVEAAKLAQEGKDMEAILSHVEEVKNHTELYIGVSTLENLVKGGRIGRVTGLLSSLLNIRVVMQMKDHELQPMVKGRGTK
TFKKWLDELITSLSERAVAEIGISYSGSDDWAKEMKESLQAYVEKPISVLETGSIIQTHTGENAWAILIRYHS
;
_entity_poly.pdbx_strand_id   A,B
#
# COMPACT_ATOMS: atom_id res chain seq x y z
N MET A 35 14.97 22.54 10.24
CA MET A 35 13.59 22.86 9.76
C MET A 35 12.57 22.04 10.54
N THR A 36 12.83 20.73 10.63
CA THR A 36 11.81 19.67 10.92
C THR A 36 10.79 19.65 9.77
N LYS A 37 10.51 18.45 9.25
CA LYS A 37 9.70 18.33 8.06
C LYS A 37 8.25 18.71 8.41
N ILE A 38 7.53 19.21 7.40
CA ILE A 38 6.12 19.49 7.52
C ILE A 38 5.39 18.17 7.77
N LYS A 39 4.35 18.22 8.61
CA LYS A 39 3.53 17.06 8.87
C LYS A 39 2.16 17.23 8.20
N ILE A 40 1.69 16.13 7.57
CA ILE A 40 0.46 16.12 6.84
C ILE A 40 -0.65 15.52 7.72
N VAL A 41 -1.81 16.21 7.73
CA VAL A 41 -3.00 15.73 8.42
C VAL A 41 -4.17 15.70 7.41
N THR A 42 -5.06 14.70 7.54
CA THR A 42 -6.30 14.60 6.74
C THR A 42 -7.38 14.00 7.64
N ASP A 43 -8.56 13.71 7.07
CA ASP A 43 -9.66 13.14 7.83
C ASP A 43 -9.95 11.74 7.27
N SER A 44 -10.79 10.97 7.98
CA SER A 44 -10.98 9.57 7.67
C SER A 44 -11.97 9.37 6.52
N SER A 45 -12.45 10.46 5.90
CA SER A 45 -13.16 10.36 4.56
C SER A 45 -12.17 10.00 3.45
N VAL A 46 -10.87 10.16 3.68
CA VAL A 46 -9.86 9.75 2.73
C VAL A 46 -9.97 8.23 2.54
N THR A 47 -9.87 7.80 1.28
CA THR A 47 -9.82 6.42 0.97
C THR A 47 -8.40 6.11 0.47
N ILE A 48 -7.68 5.29 1.20
CA ILE A 48 -6.24 5.11 0.96
C ILE A 48 -5.80 3.73 1.46
N GLU A 49 -4.77 3.19 0.85
CA GLU A 49 -4.16 1.94 1.35
C GLU A 49 -3.52 2.21 2.71
N PRO A 50 -3.80 1.41 3.76
CA PRO A 50 -3.32 1.71 5.12
C PRO A 50 -1.78 1.72 5.27
N GLU A 51 -1.09 0.93 4.46
CA GLU A 51 0.39 0.88 4.54
C GLU A 51 0.98 2.19 4.06
N LEU A 52 0.29 2.84 3.11
CA LEU A 52 0.72 4.10 2.55
C LEU A 52 0.62 5.21 3.61
N VAL A 53 -0.38 5.10 4.50
CA VAL A 53 -0.52 6.08 5.59
C VAL A 53 0.74 6.07 6.47
N LYS A 54 1.20 4.87 6.87
N LYS A 54 1.19 4.87 6.86
CA LYS A 54 2.37 4.69 7.71
CA LYS A 54 2.36 4.66 7.70
C LYS A 54 3.65 5.08 6.95
C LYS A 54 3.65 5.07 6.96
N GLN A 55 3.81 4.64 5.70
CA GLN A 55 5.01 4.92 4.92
C GLN A 55 5.25 6.43 4.77
N LEU A 56 4.18 7.25 4.63
CA LEU A 56 4.31 8.70 4.40
C LEU A 56 4.04 9.54 5.65
N ASP A 57 3.93 8.89 6.81
N ASP A 57 3.87 8.88 6.80
CA ASP A 57 3.67 9.56 8.12
CA ASP A 57 3.69 9.55 8.09
C ASP A 57 2.50 10.54 8.01
C ASP A 57 2.49 10.52 8.04
N ILE A 58 1.37 10.06 7.48
CA ILE A 58 0.14 10.84 7.44
C ILE A 58 -0.64 10.56 8.74
N THR A 59 -1.19 11.61 9.35
CA THR A 59 -2.08 11.55 10.55
C THR A 59 -3.52 11.70 10.05
N ILE A 60 -4.36 10.71 10.35
CA ILE A 60 -5.75 10.72 9.93
C ILE A 60 -6.63 11.00 11.16
N VAL A 61 -7.34 12.13 11.17
CA VAL A 61 -8.26 12.49 12.25
C VAL A 61 -9.57 11.77 11.96
N PRO A 62 -10.02 10.86 12.87
CA PRO A 62 -11.19 10.04 12.59
C PRO A 62 -12.49 10.83 12.75
N LEU A 63 -13.43 10.64 11.82
CA LEU A 63 -14.82 11.01 12.04
C LEU A 63 -15.44 9.86 12.87
N SER A 64 -16.71 10.04 13.24
CA SER A 64 -17.44 9.02 13.98
C SER A 64 -18.77 8.76 13.27
N VAL A 65 -19.42 7.64 13.62
N VAL A 65 -19.34 7.61 13.62
CA VAL A 65 -20.72 7.34 13.08
CA VAL A 65 -20.55 7.09 13.06
C VAL A 65 -21.52 6.56 14.14
C VAL A 65 -21.38 6.54 14.21
N MET A 66 -22.77 7.00 14.33
N MET A 66 -22.67 6.87 14.24
CA MET A 66 -23.74 6.41 15.28
CA MET A 66 -23.57 6.31 15.26
C MET A 66 -24.54 5.31 14.57
C MET A 66 -24.53 5.33 14.60
N ILE A 67 -24.52 4.11 15.13
CA ILE A 67 -25.21 2.95 14.58
C ILE A 67 -26.08 2.40 15.73
N ASP A 68 -27.39 2.54 15.57
CA ASP A 68 -28.41 2.15 16.61
C ASP A 68 -27.99 2.73 17.97
N ASN A 69 -27.68 4.02 17.95
CA ASN A 69 -27.41 4.83 19.14
C ASN A 69 -26.05 4.50 19.77
N VAL A 70 -25.21 3.70 19.10
CA VAL A 70 -23.87 3.39 19.61
C VAL A 70 -22.85 4.12 18.72
N VAL A 71 -21.98 4.92 19.32
CA VAL A 71 -21.02 5.73 18.55
C VAL A 71 -19.75 4.91 18.33
N TYR A 72 -19.35 4.80 17.06
CA TYR A 72 -18.13 4.17 16.63
C TYR A 72 -17.16 5.22 16.05
N SER A 73 -15.88 5.10 16.38
CA SER A 73 -14.85 5.83 15.63
C SER A 73 -14.70 5.20 14.23
N ASP A 74 -14.56 6.03 13.20
CA ASP A 74 -14.31 5.56 11.85
C ASP A 74 -13.02 4.73 11.82
N ALA A 75 -12.07 5.00 12.73
CA ALA A 75 -10.79 4.28 12.81
C ALA A 75 -11.01 2.79 13.11
N ASP A 76 -12.15 2.46 13.73
CA ASP A 76 -12.48 1.05 14.06
C ASP A 76 -13.39 0.41 13.00
N LEU A 77 -13.62 1.08 11.86
CA LEU A 77 -14.52 0.57 10.84
C LEU A 77 -13.79 0.46 9.49
N LYS A 78 -12.51 0.11 9.53
CA LYS A 78 -11.70 0.08 8.29
C LYS A 78 -11.58 -1.35 7.75
N GLU A 79 -11.88 -2.37 8.57
CA GLU A 79 -11.89 -3.76 8.13
C GLU A 79 -12.86 -3.98 6.95
N GLU A 80 -12.38 -4.62 5.89
CA GLU A 80 -13.16 -4.85 4.67
C GLU A 80 -14.52 -5.45 5.00
N GLY A 81 -15.59 -4.79 4.57
CA GLY A 81 -16.94 -5.33 4.66
C GLY A 81 -17.56 -5.19 6.03
N LYS A 82 -16.80 -4.76 7.04
CA LYS A 82 -17.33 -4.71 8.42
C LYS A 82 -18.47 -3.69 8.54
N PHE A 83 -18.28 -2.44 8.09
CA PHE A 83 -19.31 -1.45 8.20
C PHE A 83 -20.50 -1.80 7.31
N LEU A 84 -20.22 -2.29 6.09
CA LEU A 84 -21.29 -2.69 5.16
C LEU A 84 -22.29 -3.56 5.93
N GLN A 85 -21.76 -4.56 6.61
CA GLN A 85 -22.61 -5.54 7.27
C GLN A 85 -23.38 -4.90 8.46
N LEU A 86 -22.75 -4.03 9.26
CA LEU A 86 -23.46 -3.27 10.31
C LEU A 86 -24.59 -2.41 9.71
N MET A 87 -24.33 -1.69 8.61
CA MET A 87 -25.37 -0.84 7.97
C MET A 87 -26.53 -1.66 7.36
N GLN A 88 -26.23 -2.84 6.83
CA GLN A 88 -27.26 -3.76 6.28
C GLN A 88 -28.22 -4.22 7.38
N GLU A 89 -27.74 -4.31 8.63
CA GLU A 89 -28.53 -4.93 9.74
C GLU A 89 -29.04 -3.91 10.78
N SER A 90 -28.58 -2.67 10.75
CA SER A 90 -28.93 -1.72 11.79
C SER A 90 -30.41 -1.33 11.70
N LYS A 91 -31.08 -1.18 12.87
CA LYS A 91 -32.50 -0.76 12.92
C LYS A 91 -32.69 0.62 12.27
N ASN A 92 -31.72 1.51 12.51
CA ASN A 92 -31.72 2.88 12.02
C ASN A 92 -30.64 3.05 10.93
N LEU A 93 -30.87 3.98 10.03
CA LEU A 93 -29.84 4.47 9.16
C LEU A 93 -28.71 5.05 10.00
N PRO A 94 -27.43 4.72 9.75
CA PRO A 94 -26.33 5.36 10.50
C PRO A 94 -26.25 6.89 10.27
N LYS A 95 -25.66 7.59 11.25
CA LYS A 95 -25.45 9.03 11.20
C LYS A 95 -23.98 9.39 11.45
N THR A 96 -23.38 10.16 10.52
CA THR A 96 -21.97 10.50 10.56
C THR A 96 -21.80 11.81 11.32
N SER A 97 -20.61 11.99 11.91
CA SER A 97 -20.22 13.20 12.65
C SER A 97 -18.78 13.60 12.34
N GLN A 98 -18.60 14.88 12.15
CA GLN A 98 -17.30 15.49 11.94
C GLN A 98 -16.49 15.38 13.22
N PRO A 99 -15.14 15.48 13.16
CA PRO A 99 -14.33 15.43 14.35
C PRO A 99 -14.54 16.76 15.10
N PRO A 100 -14.54 16.73 16.44
CA PRO A 100 -14.70 17.96 17.23
C PRO A 100 -13.55 18.95 17.01
N VAL A 101 -13.84 20.25 17.05
CA VAL A 101 -12.80 21.31 17.08
C VAL A 101 -11.67 20.93 18.03
N GLY A 102 -12.06 20.51 19.25
CA GLY A 102 -11.14 20.23 20.34
C GLY A 102 -10.15 19.11 20.04
N VAL A 103 -10.59 18.07 19.32
CA VAL A 103 -9.73 16.99 18.92
C VAL A 103 -8.68 17.52 17.93
N PHE A 104 -9.10 18.36 16.99
CA PHE A 104 -8.14 18.95 16.03
C PHE A 104 -7.08 19.76 16.79
N ALA A 105 -7.53 20.60 17.72
CA ALA A 105 -6.62 21.44 18.50
C ALA A 105 -5.61 20.55 19.26
N GLU A 106 -6.12 19.48 19.88
CA GLU A 106 -5.27 18.55 20.67
C GLU A 106 -4.27 17.80 19.75
N ILE A 107 -4.68 17.45 18.54
CA ILE A 107 -3.81 16.71 17.61
C ILE A 107 -2.75 17.64 17.06
N PHE A 108 -3.17 18.85 16.68
CA PHE A 108 -2.22 19.87 16.22
C PHE A 108 -1.17 20.18 17.32
N GLU A 109 -1.58 20.25 18.59
CA GLU A 109 -0.60 20.55 19.69
C GLU A 109 0.45 19.44 19.81
N ASP A 110 0.04 18.16 19.73
N ASP A 110 0.03 18.17 19.80
CA ASP A 110 0.95 17.02 19.88
CA ASP A 110 0.95 17.04 19.86
C ASP A 110 1.91 16.90 18.69
C ASP A 110 1.96 17.13 18.71
N LEU A 111 1.43 17.23 17.48
CA LEU A 111 2.22 17.13 16.27
C LEU A 111 3.29 18.23 16.20
N CYS A 112 3.04 19.40 16.76
CA CYS A 112 3.92 20.55 16.60
C CYS A 112 5.04 20.57 17.66
N LYS A 113 5.03 19.62 18.60
CA LYS A 113 6.08 19.48 19.64
C LYS A 113 7.48 19.37 19.02
N ASP A 114 7.60 18.87 17.79
CA ASP A 114 8.91 18.76 17.09
C ASP A 114 9.38 20.12 16.55
N GLY A 115 8.55 21.15 16.68
CA GLY A 115 8.82 22.46 16.14
C GLY A 115 8.52 22.56 14.65
N GLY A 116 7.68 21.68 14.10
CA GLY A 116 7.34 21.73 12.67
C GLY A 116 5.99 22.39 12.40
N GLN A 117 5.74 22.73 11.13
CA GLN A 117 4.47 23.20 10.65
C GLN A 117 3.59 21.99 10.27
N ILE A 118 2.27 22.24 10.22
CA ILE A 118 1.31 21.25 9.86
C ILE A 118 0.53 21.74 8.65
N LEU A 119 0.30 20.85 7.68
CA LEU A 119 -0.61 21.06 6.61
C LEU A 119 -1.73 20.01 6.72
N ALA A 120 -2.97 20.46 6.96
CA ALA A 120 -4.15 19.63 7.03
C ALA A 120 -4.98 19.85 5.76
N ILE A 121 -5.32 18.75 5.08
CA ILE A 121 -6.05 18.74 3.84
C ILE A 121 -7.30 17.89 4.08
N HIS A 122 -8.48 18.48 3.87
CA HIS A 122 -9.75 17.91 4.27
C HIS A 122 -10.77 17.85 3.14
N MET A 123 -11.84 17.10 3.41
N MET A 123 -11.83 17.10 3.41
CA MET A 123 -12.92 16.98 2.47
CA MET A 123 -12.95 16.99 2.51
C MET A 123 -13.64 18.31 2.35
C MET A 123 -13.61 18.35 2.34
N SER A 124 -14.29 18.49 1.19
CA SER A 124 -15.08 19.65 0.85
C SER A 124 -15.98 20.12 2.00
N HIS A 125 -15.93 21.43 2.25
CA HIS A 125 -16.87 22.13 3.14
C HIS A 125 -18.33 21.88 2.71
N ALA A 126 -18.58 21.59 1.43
CA ALA A 126 -19.96 21.32 1.01
C ALA A 126 -20.44 19.96 1.56
N LEU A 127 -19.54 19.02 1.81
CA LEU A 127 -19.96 17.69 2.32
C LEU A 127 -20.00 17.65 3.85
N SER A 128 -19.10 18.42 4.50
CA SER A 128 -18.84 18.28 5.93
C SER A 128 -18.31 19.60 6.51
N GLY A 129 -18.60 19.80 7.79
CA GLY A 129 -18.01 20.86 8.59
C GLY A 129 -16.57 20.54 9.02
N THR A 130 -16.06 19.36 8.68
CA THR A 130 -14.67 18.88 9.09
C THR A 130 -13.62 20.01 8.88
N VAL A 131 -13.60 20.61 7.69
CA VAL A 131 -12.53 21.52 7.36
C VAL A 131 -12.63 22.80 8.22
N GLU A 132 -13.84 23.26 8.52
CA GLU A 132 -14.06 24.42 9.39
C GLU A 132 -13.63 24.09 10.82
N ALA A 133 -13.91 22.86 11.25
CA ALA A 133 -13.44 22.39 12.54
C ALA A 133 -11.90 22.40 12.59
N ALA A 134 -11.23 21.98 11.51
CA ALA A 134 -9.77 22.03 11.46
C ALA A 134 -9.26 23.47 11.52
N ARG A 135 -9.95 24.42 10.87
CA ARG A 135 -9.63 25.84 10.88
C ARG A 135 -9.75 26.43 12.31
N GLN A 136 -10.84 26.10 12.99
CA GLN A 136 -11.03 26.53 14.36
C GLN A 136 -9.97 25.90 15.27
N GLY A 137 -9.70 24.61 15.10
CA GLY A 137 -8.67 23.89 15.85
C GLY A 137 -7.29 24.48 15.66
N ALA A 138 -6.97 24.84 14.42
CA ALA A 138 -5.69 25.45 14.10
C ALA A 138 -5.53 26.79 14.85
N SER A 139 -6.59 27.61 14.82
CA SER A 139 -6.66 28.90 15.46
C SER A 139 -6.56 28.78 17.00
N LEU A 140 -7.13 27.72 17.57
CA LEU A 140 -7.01 27.48 19.01
C LEU A 140 -5.64 26.93 19.42
N SER A 141 -5.00 26.11 18.59
CA SER A 141 -3.70 25.50 18.89
C SER A 141 -2.58 26.54 18.80
N THR A 142 -1.44 26.26 19.45
CA THR A 142 -0.23 27.11 19.32
C THR A 142 0.60 26.70 18.09
N ALA A 143 0.23 25.59 17.43
CA ALA A 143 0.95 25.13 16.27
C ALA A 143 0.75 26.10 15.11
N ASP A 144 1.71 26.07 14.19
CA ASP A 144 1.65 26.75 12.91
C ASP A 144 0.96 25.79 11.91
N VAL A 145 -0.33 26.00 11.65
CA VAL A 145 -1.16 25.04 10.93
C VAL A 145 -1.84 25.70 9.75
N ILE A 146 -1.61 25.15 8.56
CA ILE A 146 -2.30 25.55 7.38
C ILE A 146 -3.38 24.49 7.09
N VAL A 147 -4.58 24.97 6.73
CA VAL A 147 -5.74 24.14 6.47
C VAL A 147 -6.29 24.43 5.09
N VAL A 148 -6.44 23.36 4.29
CA VAL A 148 -6.80 23.41 2.90
C VAL A 148 -8.04 22.53 2.71
N ASP A 149 -9.01 23.07 1.96
CA ASP A 149 -10.18 22.33 1.50
C ASP A 149 -9.82 21.70 0.14
N SER A 150 -9.78 20.37 0.09
CA SER A 150 -9.43 19.62 -1.12
C SER A 150 -10.45 19.79 -2.23
N SER A 151 -11.66 20.22 -1.91
CA SER A 151 -12.87 20.26 -2.78
C SER A 151 -13.42 18.86 -3.11
N PHE A 152 -12.86 17.77 -2.53
CA PHE A 152 -13.27 16.39 -2.85
C PHE A 152 -13.38 15.57 -1.55
N THR A 153 -13.14 14.26 -1.67
CA THR A 153 -13.14 13.25 -0.62
C THR A 153 -12.60 11.97 -1.25
N ASP A 154 -12.57 10.86 -0.48
CA ASP A 154 -12.25 9.55 -0.99
C ASP A 154 -10.84 9.57 -1.64
N GLN A 155 -10.69 8.98 -2.83
CA GLN A 155 -9.36 8.82 -3.41
C GLN A 155 -8.92 10.14 -4.07
N ALA A 156 -9.85 11.04 -4.38
CA ALA A 156 -9.49 12.34 -4.94
C ALA A 156 -8.79 13.18 -3.86
N LEU A 157 -9.28 13.06 -2.61
CA LEU A 157 -8.60 13.67 -1.48
C LEU A 157 -7.26 12.96 -1.27
N LYS A 158 -7.19 11.62 -1.47
CA LYS A 158 -5.99 10.83 -1.37
C LYS A 158 -4.90 11.40 -2.30
N PHE A 159 -5.24 11.76 -3.54
CA PHE A 159 -4.21 12.27 -4.49
C PHE A 159 -3.49 13.49 -3.87
N GLN A 160 -4.26 14.45 -3.35
CA GLN A 160 -3.66 15.65 -2.70
C GLN A 160 -2.81 15.26 -1.48
N VAL A 161 -3.38 14.46 -0.59
CA VAL A 161 -2.75 14.11 0.67
C VAL A 161 -1.41 13.40 0.43
N VAL A 162 -1.41 12.44 -0.51
CA VAL A 162 -0.28 11.63 -0.77
C VAL A 162 0.81 12.48 -1.43
N GLU A 163 0.44 13.37 -2.35
N GLU A 163 0.42 13.34 -2.37
CA GLU A 163 1.45 14.19 -3.03
CA GLU A 163 1.38 14.26 -3.05
C GLU A 163 2.03 15.20 -2.03
C GLU A 163 2.03 15.14 -1.99
N ALA A 164 1.19 15.70 -1.11
CA ALA A 164 1.64 16.56 -0.05
C ALA A 164 2.65 15.83 0.86
N ALA A 165 2.35 14.59 1.24
CA ALA A 165 3.17 13.86 2.19
C ALA A 165 4.51 13.48 1.55
N LYS A 166 4.49 13.14 0.26
CA LYS A 166 5.70 12.85 -0.51
C LYS A 166 6.62 14.08 -0.53
N LEU A 167 6.08 15.26 -0.82
CA LEU A 167 6.87 16.50 -0.88
C LEU A 167 7.35 16.86 0.52
N ALA A 168 6.53 16.61 1.55
CA ALA A 168 6.89 16.92 2.93
C ALA A 168 8.15 16.16 3.33
N GLN A 169 8.22 14.89 2.93
CA GLN A 169 9.25 13.97 3.36
C GLN A 169 10.53 14.23 2.53
N GLU A 170 10.42 14.90 1.38
CA GLU A 170 11.58 15.37 0.61
C GLU A 170 12.12 16.67 1.20
N GLY A 171 11.41 17.24 2.18
CA GLY A 171 11.82 18.44 2.89
C GLY A 171 11.45 19.71 2.16
N LYS A 172 10.42 19.69 1.31
CA LYS A 172 9.95 20.90 0.64
C LYS A 172 9.28 21.82 1.65
N ASP A 173 9.30 23.13 1.35
CA ASP A 173 8.67 24.13 2.22
C ASP A 173 7.17 24.26 1.88
N MET A 174 6.46 25.06 2.67
CA MET A 174 5.02 25.06 2.70
C MET A 174 4.49 25.66 1.39
N GLU A 175 5.10 26.77 0.95
N GLU A 175 5.10 26.74 0.88
CA GLU A 175 4.81 27.37 -0.34
CA GLU A 175 4.58 27.32 -0.37
C GLU A 175 4.76 26.31 -1.43
C GLU A 175 4.77 26.34 -1.54
N ALA A 176 5.88 25.58 -1.57
CA ALA A 176 6.08 24.58 -2.66
C ALA A 176 5.05 23.45 -2.56
N ILE A 177 4.79 22.99 -1.33
CA ILE A 177 3.80 21.90 -1.12
C ILE A 177 2.40 22.37 -1.50
N LEU A 178 2.00 23.55 -1.03
CA LEU A 178 0.65 24.08 -1.28
C LEU A 178 0.43 24.24 -2.78
N SER A 179 1.44 24.76 -3.50
CA SER A 179 1.31 25.00 -4.91
C SER A 179 1.13 23.69 -5.70
N HIS A 180 1.92 22.66 -5.38
N HIS A 180 1.94 22.67 -5.38
CA HIS A 180 1.83 21.34 -6.04
CA HIS A 180 1.88 21.34 -6.00
C HIS A 180 0.51 20.66 -5.71
C HIS A 180 0.54 20.66 -5.70
N VAL A 181 0.08 20.77 -4.46
CA VAL A 181 -1.23 20.20 -4.03
C VAL A 181 -2.38 20.84 -4.81
N GLU A 182 -2.34 22.17 -5.00
CA GLU A 182 -3.33 22.89 -5.81
C GLU A 182 -3.34 22.40 -7.25
N GLU A 183 -2.14 22.18 -7.80
CA GLU A 183 -1.95 21.61 -9.11
C GLU A 183 -2.64 20.24 -9.17
N VAL A 184 -2.46 19.38 -8.16
CA VAL A 184 -3.08 18.06 -8.19
C VAL A 184 -4.61 18.25 -8.22
N LYS A 185 -5.13 19.08 -7.33
CA LYS A 185 -6.56 19.35 -7.21
C LYS A 185 -7.13 19.82 -8.54
N ASN A 186 -6.44 20.76 -9.17
CA ASN A 186 -6.96 21.37 -10.36
C ASN A 186 -6.85 20.41 -11.57
N HIS A 187 -6.14 19.29 -11.43
CA HIS A 187 -6.08 18.28 -12.48
C HIS A 187 -6.84 17.00 -12.10
N THR A 188 -7.72 17.10 -11.11
CA THR A 188 -8.50 15.98 -10.63
C THR A 188 -9.97 16.11 -11.05
N GLU A 189 -10.61 14.97 -11.41
CA GLU A 189 -12.04 14.87 -11.56
C GLU A 189 -12.56 13.74 -10.67
N LEU A 190 -13.79 13.88 -10.22
CA LEU A 190 -14.49 12.86 -9.39
C LEU A 190 -15.85 12.57 -10.01
N TYR A 191 -16.11 11.30 -10.35
CA TYR A 191 -17.38 10.86 -10.78
C TYR A 191 -17.91 9.84 -9.76
N ILE A 192 -19.20 9.88 -9.49
CA ILE A 192 -19.83 8.95 -8.55
C ILE A 192 -21.13 8.43 -9.15
N GLY A 193 -21.37 7.14 -8.96
CA GLY A 193 -22.61 6.53 -9.30
C GLY A 193 -23.26 6.02 -8.02
N VAL A 194 -24.57 6.31 -7.89
CA VAL A 194 -25.38 5.75 -6.80
C VAL A 194 -26.49 4.87 -7.40
N SER A 195 -26.97 3.90 -6.60
CA SER A 195 -28.07 2.98 -7.03
C SER A 195 -29.39 3.33 -6.34
N THR A 196 -29.34 4.22 -5.35
CA THR A 196 -30.48 4.81 -4.70
C THR A 196 -30.07 6.21 -4.27
N LEU A 197 -31.08 7.08 -4.11
CA LEU A 197 -30.95 8.42 -3.62
C LEU A 197 -31.39 8.52 -2.14
N GLU A 198 -31.94 7.44 -1.58
CA GLU A 198 -32.49 7.54 -0.24
C GLU A 198 -31.42 8.00 0.77
N ASN A 199 -30.23 7.42 0.74
CA ASN A 199 -29.19 7.81 1.74
C ASN A 199 -28.78 9.28 1.56
N LEU A 200 -28.74 9.77 0.33
CA LEU A 200 -28.36 11.14 0.06
C LEU A 200 -29.45 12.07 0.58
N VAL A 201 -30.72 11.67 0.44
CA VAL A 201 -31.80 12.52 0.91
C VAL A 201 -31.79 12.54 2.45
N LYS A 202 -31.69 11.35 3.07
CA LYS A 202 -31.81 11.21 4.52
C LYS A 202 -30.62 11.86 5.24
N GLY A 203 -29.43 11.76 4.64
CA GLY A 203 -28.19 12.37 5.20
C GLY A 203 -28.03 13.86 4.87
N GLY A 204 -28.93 14.43 4.04
CA GLY A 204 -28.93 15.87 3.77
C GLY A 204 -28.07 16.33 2.59
N ARG A 205 -27.17 15.49 2.07
CA ARG A 205 -26.18 15.97 1.06
C ARG A 205 -26.83 16.03 -0.33
N ILE A 206 -28.06 15.52 -0.45
CA ILE A 206 -28.88 15.78 -1.64
C ILE A 206 -28.95 17.29 -1.88
N GLY A 207 -28.81 18.10 -0.84
CA GLY A 207 -28.84 19.54 -0.94
C GLY A 207 -27.73 20.10 -1.82
N ARG A 208 -26.65 19.34 -2.03
CA ARG A 208 -25.51 19.81 -2.85
C ARG A 208 -25.60 19.28 -4.29
N VAL A 209 -26.67 18.53 -4.60
CA VAL A 209 -26.92 18.07 -5.95
C VAL A 209 -27.71 19.14 -6.70
N THR A 210 -27.15 19.65 -7.80
CA THR A 210 -27.71 20.78 -8.49
C THR A 210 -28.63 20.32 -9.62
N GLY A 211 -29.93 20.62 -9.51
CA GLY A 211 -30.92 20.43 -10.59
C GLY A 211 -31.13 18.97 -10.94
N LEU A 212 -31.24 18.10 -9.92
CA LEU A 212 -31.67 16.71 -10.13
C LEU A 212 -33.17 16.64 -9.86
N LEU A 213 -33.95 16.25 -10.87
CA LEU A 213 -35.39 16.02 -10.67
C LEU A 213 -35.65 14.52 -10.82
N SER A 214 -36.13 13.89 -9.75
CA SER A 214 -36.51 12.50 -9.79
C SER A 214 -37.73 12.29 -8.91
N SER A 215 -38.74 11.65 -9.48
CA SER A 215 -39.91 11.26 -8.75
C SER A 215 -39.63 9.93 -8.03
N LEU A 216 -38.46 9.34 -8.29
CA LEU A 216 -38.09 8.06 -7.71
C LEU A 216 -36.80 8.22 -6.91
N LEU A 217 -36.73 7.53 -5.77
CA LEU A 217 -35.48 7.38 -5.02
C LEU A 217 -34.66 6.19 -5.52
N ASN A 218 -35.32 5.09 -5.90
CA ASN A 218 -34.64 3.91 -6.36
C ASN A 218 -34.36 4.00 -7.87
N ILE A 219 -33.26 4.66 -8.19
CA ILE A 219 -32.85 4.95 -9.56
C ILE A 219 -31.32 5.05 -9.56
N ARG A 220 -30.70 4.83 -10.71
CA ARG A 220 -29.24 4.92 -10.84
C ARG A 220 -28.88 6.33 -11.33
N VAL A 221 -27.93 6.99 -10.66
CA VAL A 221 -27.57 8.33 -10.98
C VAL A 221 -26.04 8.41 -11.05
N VAL A 222 -25.54 9.07 -12.09
CA VAL A 222 -24.11 9.41 -12.14
C VAL A 222 -23.98 10.94 -12.03
N MET A 223 -23.04 11.38 -11.17
CA MET A 223 -22.80 12.77 -10.87
C MET A 223 -21.31 13.06 -11.01
N GLN A 224 -20.97 14.32 -11.32
CA GLN A 224 -19.61 14.79 -11.23
C GLN A 224 -19.55 15.81 -10.07
N MET A 225 -18.58 15.65 -9.17
CA MET A 225 -18.33 16.62 -8.15
C MET A 225 -17.37 17.67 -8.70
N LYS A 226 -17.90 18.86 -8.94
CA LYS A 226 -17.18 19.95 -9.59
C LYS A 226 -17.44 21.23 -8.80
N ASP A 227 -16.37 21.89 -8.38
CA ASP A 227 -16.42 23.11 -7.57
C ASP A 227 -17.41 22.94 -6.42
N HIS A 228 -17.28 21.82 -5.70
CA HIS A 228 -18.02 21.55 -4.46
C HIS A 228 -19.51 21.26 -4.71
N GLU A 229 -19.92 21.02 -5.96
CA GLU A 229 -21.31 20.65 -6.28
C GLU A 229 -21.35 19.25 -6.89
N LEU A 230 -22.44 18.53 -6.65
CA LEU A 230 -22.70 17.30 -7.30
C LEU A 230 -23.63 17.58 -8.49
N GLN A 231 -23.07 17.48 -9.70
CA GLN A 231 -23.75 17.80 -10.94
C GLN A 231 -24.16 16.50 -11.61
N PRO A 232 -25.47 16.26 -11.76
CA PRO A 232 -25.95 15.02 -12.38
C PRO A 232 -25.54 14.95 -13.86
N MET A 233 -25.06 13.80 -14.31
CA MET A 233 -24.71 13.63 -15.71
C MET A 233 -25.74 12.73 -16.43
N VAL A 234 -26.27 11.74 -15.72
CA VAL A 234 -27.29 10.89 -16.28
C VAL A 234 -28.03 10.24 -15.12
N LYS A 235 -29.26 9.81 -15.42
CA LYS A 235 -30.16 9.15 -14.49
C LYS A 235 -30.86 8.04 -15.27
N GLY A 236 -31.05 6.87 -14.67
CA GLY A 236 -31.82 5.84 -15.32
C GLY A 236 -32.12 4.68 -14.38
N ARG A 237 -33.28 4.05 -14.56
CA ARG A 237 -33.66 2.91 -13.73
C ARG A 237 -32.89 1.67 -14.16
N GLY A 238 -32.57 1.61 -15.45
CA GLY A 238 -32.11 0.38 -16.06
C GLY A 238 -30.70 0.00 -15.67
N THR A 239 -30.40 -1.27 -15.88
CA THR A 239 -29.21 -1.90 -15.38
C THR A 239 -27.99 -1.54 -16.22
N LYS A 240 -28.18 -0.86 -17.35
CA LYS A 240 -27.08 -0.47 -18.23
C LYS A 240 -26.71 1.02 -18.09
N THR A 241 -27.36 1.73 -17.15
CA THR A 241 -27.13 3.16 -16.96
C THR A 241 -25.62 3.46 -16.75
N PHE A 242 -24.98 2.70 -15.86
CA PHE A 242 -23.56 2.89 -15.53
C PHE A 242 -22.64 2.49 -16.70
N LYS A 243 -22.93 1.34 -17.33
N LYS A 243 -22.93 1.35 -17.34
CA LYS A 243 -22.10 0.80 -18.41
CA LYS A 243 -22.07 0.81 -18.40
C LYS A 243 -22.07 1.80 -19.57
C LYS A 243 -22.08 1.78 -19.58
N LYS A 244 -23.24 2.37 -19.89
CA LYS A 244 -23.36 3.28 -21.03
C LYS A 244 -22.60 4.58 -20.72
N TRP A 245 -22.72 5.05 -19.47
CA TRP A 245 -21.98 6.23 -19.05
C TRP A 245 -20.48 5.96 -19.15
N LEU A 246 -20.05 4.78 -18.72
CA LEU A 246 -18.64 4.43 -18.72
C LEU A 246 -18.07 4.45 -20.14
N ASP A 247 -18.86 3.98 -21.11
CA ASP A 247 -18.39 3.94 -22.47
C ASP A 247 -18.16 5.37 -22.96
N GLU A 248 -19.00 6.33 -22.57
CA GLU A 248 -18.83 7.70 -22.95
C GLU A 248 -17.58 8.28 -22.28
N LEU A 249 -17.34 7.90 -21.03
CA LEU A 249 -16.13 8.38 -20.33
C LEU A 249 -14.87 7.95 -21.07
N ILE A 250 -14.83 6.68 -21.46
CA ILE A 250 -13.66 6.06 -22.06
C ILE A 250 -13.36 6.75 -23.40
N THR A 251 -14.40 7.03 -24.18
CA THR A 251 -14.25 7.80 -25.43
C THR A 251 -13.51 9.12 -25.18
N SER A 252 -13.91 9.86 -24.14
CA SER A 252 -13.37 11.16 -23.78
C SER A 252 -11.91 11.06 -23.32
N LEU A 253 -11.50 9.91 -22.81
CA LEU A 253 -10.13 9.75 -22.34
C LEU A 253 -9.14 9.52 -23.50
N SER A 254 -9.65 9.36 -24.75
CA SER A 254 -8.81 9.11 -25.95
C SER A 254 -7.52 9.92 -25.89
N GLU A 255 -7.68 11.25 -25.81
CA GLU A 255 -6.61 12.23 -26.01
C GLU A 255 -6.37 13.05 -24.75
N ARG A 256 -6.46 12.41 -23.58
CA ARG A 256 -6.00 12.98 -22.30
C ARG A 256 -4.77 12.21 -21.82
N ALA A 257 -3.84 12.89 -21.14
CA ALA A 257 -2.77 12.19 -20.47
C ALA A 257 -3.18 11.98 -19.01
N VAL A 258 -3.31 10.73 -18.59
CA VAL A 258 -3.81 10.35 -17.28
C VAL A 258 -2.62 9.92 -16.39
N ALA A 259 -2.51 10.52 -15.19
CA ALA A 259 -1.49 10.17 -14.23
C ALA A 259 -1.93 9.04 -13.29
N GLU A 260 -3.18 9.11 -12.85
CA GLU A 260 -3.65 8.08 -11.90
C GLU A 260 -5.17 7.91 -12.02
N ILE A 261 -5.62 6.65 -11.88
CA ILE A 261 -7.02 6.37 -11.74
C ILE A 261 -7.21 5.53 -10.50
N GLY A 262 -8.14 5.98 -9.65
CA GLY A 262 -8.61 5.18 -8.51
C GLY A 262 -10.09 4.89 -8.67
N ILE A 263 -10.53 3.73 -8.16
CA ILE A 263 -11.92 3.34 -8.21
C ILE A 263 -12.31 2.92 -6.78
N SER A 264 -13.44 3.45 -6.33
CA SER A 264 -13.95 3.10 -5.00
C SER A 264 -15.36 2.56 -5.14
N TYR A 265 -15.80 1.78 -4.13
CA TYR A 265 -17.09 1.13 -4.25
C TYR A 265 -17.68 0.90 -2.85
N SER A 266 -19.03 0.76 -2.81
CA SER A 266 -19.71 0.18 -1.65
C SER A 266 -20.48 -1.04 -2.11
N GLY A 267 -20.68 -1.97 -1.17
CA GLY A 267 -21.18 -3.27 -1.52
C GLY A 267 -20.10 -4.15 -2.09
N SER A 268 -20.47 -5.05 -3.01
CA SER A 268 -19.48 -5.91 -3.59
C SER A 268 -18.66 -5.15 -4.64
N ASP A 269 -17.49 -5.68 -4.94
CA ASP A 269 -16.50 -5.02 -5.81
C ASP A 269 -16.61 -5.47 -7.26
N ASP A 270 -17.66 -6.23 -7.59
CA ASP A 270 -17.78 -6.84 -8.92
C ASP A 270 -17.74 -5.75 -9.99
N TRP A 271 -18.62 -4.75 -9.84
CA TRP A 271 -18.72 -3.71 -10.87
C TRP A 271 -17.41 -2.89 -10.91
N ALA A 272 -16.82 -2.62 -9.75
CA ALA A 272 -15.56 -1.86 -9.66
C ALA A 272 -14.44 -2.57 -10.44
N LYS A 273 -14.42 -3.90 -10.32
CA LYS A 273 -13.40 -4.70 -10.97
C LYS A 273 -13.62 -4.67 -12.48
N GLU A 274 -14.87 -4.72 -12.90
CA GLU A 274 -15.21 -4.62 -14.30
C GLU A 274 -14.75 -3.25 -14.86
N MET A 275 -14.98 -2.16 -14.13
CA MET A 275 -14.55 -0.83 -14.57
C MET A 275 -13.02 -0.79 -14.66
N LYS A 276 -12.34 -1.43 -13.71
CA LYS A 276 -10.91 -1.43 -13.73
C LYS A 276 -10.41 -2.05 -15.05
N GLU A 277 -10.99 -3.19 -15.42
CA GLU A 277 -10.62 -3.87 -16.63
C GLU A 277 -10.68 -2.94 -17.83
N SER A 278 -11.67 -2.06 -17.93
CA SER A 278 -11.70 -1.24 -19.12
C SER A 278 -10.86 0.04 -18.95
N LEU A 279 -10.54 0.45 -17.73
CA LEU A 279 -9.87 1.76 -17.52
C LEU A 279 -8.34 1.59 -17.42
N GLN A 280 -7.84 0.41 -17.07
CA GLN A 280 -6.42 0.25 -16.78
C GLN A 280 -5.56 0.55 -18.03
N ALA A 281 -6.11 0.35 -19.25
CA ALA A 281 -5.36 0.62 -20.50
C ALA A 281 -5.01 2.09 -20.64
N TYR A 282 -5.72 2.97 -19.90
CA TYR A 282 -5.59 4.40 -20.08
C TYR A 282 -4.66 5.05 -19.06
N VAL A 283 -3.99 4.26 -18.21
CA VAL A 283 -3.07 4.81 -17.25
C VAL A 283 -1.97 3.80 -16.93
N GLU A 284 -0.73 4.29 -16.83
CA GLU A 284 0.39 3.41 -16.58
C GLU A 284 0.32 2.85 -15.15
N LYS A 285 0.10 3.74 -14.18
CA LYS A 285 0.10 3.36 -12.79
C LYS A 285 -1.07 2.41 -12.55
N PRO A 286 -0.85 1.27 -11.85
CA PRO A 286 -1.94 0.36 -11.51
C PRO A 286 -3.08 1.07 -10.75
N ILE A 287 -4.31 0.75 -11.09
CA ILE A 287 -5.47 1.34 -10.49
C ILE A 287 -5.72 0.71 -9.11
N SER A 288 -5.90 1.56 -8.12
CA SER A 288 -6.33 1.18 -6.77
C SER A 288 -7.84 1.02 -6.74
N VAL A 289 -8.31 -0.18 -6.44
CA VAL A 289 -9.73 -0.40 -6.31
C VAL A 289 -9.99 -0.65 -4.83
N LEU A 290 -10.71 0.26 -4.17
CA LEU A 290 -10.80 0.29 -2.69
C LEU A 290 -12.25 0.44 -2.24
N GLU A 291 -12.61 -0.31 -1.20
CA GLU A 291 -13.88 -0.14 -0.60
C GLU A 291 -13.87 1.23 0.10
N THR A 292 -14.86 2.06 -0.18
CA THR A 292 -14.94 3.36 0.46
C THR A 292 -15.25 3.16 1.97
N GLY A 293 -14.98 4.20 2.75
CA GLY A 293 -15.18 4.18 4.19
C GLY A 293 -16.62 4.33 4.64
N SER A 294 -16.81 4.08 5.92
CA SER A 294 -18.11 4.13 6.53
C SER A 294 -18.77 5.50 6.40
N ILE A 295 -17.98 6.60 6.43
CA ILE A 295 -18.48 7.95 6.32
C ILE A 295 -19.16 8.15 4.95
N ILE A 296 -18.53 7.65 3.88
CA ILE A 296 -19.13 7.84 2.57
C ILE A 296 -20.27 6.82 2.38
N GLN A 297 -20.10 5.58 2.86
CA GLN A 297 -21.11 4.50 2.64
C GLN A 297 -22.46 4.94 3.26
N THR A 298 -22.41 5.71 4.36
CA THR A 298 -23.60 6.09 5.08
C THR A 298 -24.48 6.97 4.18
N HIS A 299 -23.84 7.83 3.37
CA HIS A 299 -24.51 8.83 2.55
C HIS A 299 -24.77 8.30 1.13
N THR A 300 -24.02 7.33 0.66
CA THR A 300 -24.22 6.84 -0.73
C THR A 300 -25.16 5.63 -0.79
N GLY A 301 -25.22 4.85 0.29
CA GLY A 301 -25.83 3.53 0.24
C GLY A 301 -24.95 2.52 -0.48
N GLU A 302 -25.43 1.29 -0.53
CA GLU A 302 -24.73 0.14 -1.09
C GLU A 302 -24.79 0.24 -2.62
N ASN A 303 -23.84 -0.41 -3.30
CA ASN A 303 -23.78 -0.46 -4.77
C ASN A 303 -23.59 0.94 -5.36
N ALA A 304 -22.77 1.75 -4.68
CA ALA A 304 -22.29 2.99 -5.23
C ALA A 304 -20.84 2.79 -5.67
N TRP A 305 -20.31 3.72 -6.45
CA TRP A 305 -18.96 3.63 -6.91
C TRP A 305 -18.44 5.04 -7.20
N ALA A 306 -17.12 5.14 -7.35
CA ALA A 306 -16.49 6.37 -7.77
C ALA A 306 -15.33 6.09 -8.70
N ILE A 307 -15.17 6.98 -9.67
N ILE A 307 -15.17 6.96 -9.70
CA ILE A 307 -14.00 7.05 -10.51
CA ILE A 307 -13.95 6.98 -10.49
C ILE A 307 -13.29 8.35 -10.19
C ILE A 307 -13.28 8.33 -10.21
N LEU A 308 -12.04 8.24 -9.73
CA LEU A 308 -11.20 9.36 -9.38
C LEU A 308 -10.07 9.38 -10.40
N ILE A 309 -9.92 10.51 -11.08
CA ILE A 309 -8.95 10.62 -12.16
C ILE A 309 -8.09 11.84 -11.89
N ARG A 310 -6.79 11.65 -11.96
CA ARG A 310 -5.82 12.73 -11.95
C ARG A 310 -5.10 12.72 -13.30
N TYR A 311 -5.16 13.84 -14.00
CA TYR A 311 -4.54 14.03 -15.32
C TYR A 311 -3.14 14.60 -15.15
N HIS A 312 -2.23 14.33 -16.11
CA HIS A 312 -0.88 14.97 -16.08
C HIS A 312 -1.04 16.50 -16.24
N THR B 36 -5.93 -14.60 -22.33
CA THR B 36 -6.16 -14.63 -20.85
C THR B 36 -4.80 -14.38 -20.16
N LYS B 37 -4.80 -13.50 -19.16
CA LYS B 37 -3.56 -12.83 -18.69
C LYS B 37 -2.74 -13.78 -17.82
N ILE B 38 -1.41 -13.68 -17.93
CA ILE B 38 -0.46 -14.46 -17.12
C ILE B 38 -0.67 -14.13 -15.64
N LYS B 39 -0.60 -15.13 -14.76
CA LYS B 39 -0.74 -14.94 -13.33
C LYS B 39 0.64 -15.15 -12.66
N ILE B 40 0.92 -14.33 -11.64
CA ILE B 40 2.20 -14.30 -10.96
C ILE B 40 2.06 -14.98 -9.60
N VAL B 41 3.04 -15.84 -9.30
CA VAL B 41 3.14 -16.57 -8.05
C VAL B 41 4.52 -16.26 -7.44
N THR B 42 4.56 -16.14 -6.10
CA THR B 42 5.82 -16.04 -5.34
C THR B 42 5.61 -16.73 -3.99
N ASP B 43 6.64 -16.68 -3.14
CA ASP B 43 6.62 -17.26 -1.81
C ASP B 43 6.59 -16.13 -0.77
N SER B 44 6.30 -16.51 0.49
CA SER B 44 6.07 -15.54 1.58
C SER B 44 7.38 -14.96 2.17
N SER B 45 8.54 -15.27 1.58
CA SER B 45 9.79 -14.60 1.88
C SER B 45 9.81 -13.22 1.20
N VAL B 46 8.94 -13.02 0.21
CA VAL B 46 8.82 -11.70 -0.35
C VAL B 46 8.38 -10.73 0.74
N THR B 47 8.93 -9.54 0.70
CA THR B 47 8.55 -8.49 1.64
C THR B 47 7.91 -7.40 0.81
N ILE B 48 6.61 -7.16 1.06
CA ILE B 48 5.78 -6.38 0.11
C ILE B 48 4.62 -5.77 0.88
N GLU B 49 4.20 -4.58 0.44
CA GLU B 49 2.99 -3.92 0.97
C GLU B 49 1.78 -4.81 0.71
N PRO B 50 0.94 -5.13 1.71
CA PRO B 50 -0.13 -6.10 1.52
C PRO B 50 -1.20 -5.68 0.49
N GLU B 51 -1.52 -4.38 0.39
CA GLU B 51 -2.54 -3.92 -0.56
C GLU B 51 -2.02 -4.06 -2.00
N LEU B 52 -0.70 -4.06 -2.17
CA LEU B 52 -0.12 -4.24 -3.52
C LEU B 52 -0.32 -5.69 -4.05
N VAL B 53 -0.34 -6.67 -3.14
CA VAL B 53 -0.61 -8.07 -3.46
C VAL B 53 -1.99 -8.21 -4.11
N LYS B 54 -3.02 -7.68 -3.44
N LYS B 54 -3.04 -7.67 -3.47
CA LYS B 54 -4.41 -7.74 -3.92
CA LYS B 54 -4.38 -7.84 -4.02
C LYS B 54 -4.52 -6.94 -5.22
C LYS B 54 -4.56 -6.92 -5.25
N GLN B 55 -4.01 -5.72 -5.20
CA GLN B 55 -4.08 -4.78 -6.33
C GLN B 55 -3.50 -5.38 -7.61
N LEU B 56 -2.41 -6.18 -7.54
CA LEU B 56 -1.73 -6.69 -8.76
C LEU B 56 -2.03 -8.19 -8.98
N ASP B 57 -2.94 -8.76 -8.20
CA ASP B 57 -3.36 -10.17 -8.29
C ASP B 57 -2.17 -11.12 -8.19
N ILE B 58 -1.29 -10.88 -7.22
CA ILE B 58 -0.16 -11.75 -6.92
C ILE B 58 -0.64 -12.83 -5.95
N THR B 59 -0.26 -14.08 -6.22
CA THR B 59 -0.56 -15.18 -5.33
C THR B 59 0.70 -15.51 -4.51
N ILE B 60 0.57 -15.57 -3.18
CA ILE B 60 1.72 -15.81 -2.32
C ILE B 60 1.58 -17.21 -1.67
N VAL B 61 2.55 -18.08 -1.95
CA VAL B 61 2.55 -19.43 -1.38
C VAL B 61 3.26 -19.38 -0.02
N PRO B 62 2.57 -19.67 1.10
CA PRO B 62 3.18 -19.49 2.40
C PRO B 62 4.20 -20.58 2.74
N LEU B 63 5.35 -20.15 3.27
CA LEU B 63 6.18 -21.06 4.05
C LEU B 63 5.55 -21.26 5.42
N SER B 64 6.15 -22.12 6.22
CA SER B 64 5.75 -22.30 7.60
C SER B 64 6.96 -22.14 8.53
N VAL B 65 6.64 -21.91 9.81
CA VAL B 65 7.63 -21.81 10.83
C VAL B 65 7.08 -22.48 12.10
N MET B 66 7.96 -23.23 12.78
CA MET B 66 7.60 -23.94 13.99
C MET B 66 8.17 -23.17 15.18
N ILE B 67 7.28 -22.77 16.10
CA ILE B 67 7.62 -22.00 17.28
C ILE B 67 7.21 -22.82 18.50
N ASP B 68 8.22 -23.31 19.23
CA ASP B 68 8.06 -24.27 20.34
C ASP B 68 7.12 -25.42 19.94
N ASN B 69 7.41 -26.00 18.76
CA ASN B 69 6.72 -27.17 18.19
C ASN B 69 5.33 -26.83 17.60
N VAL B 70 4.89 -25.57 17.68
CA VAL B 70 3.60 -25.15 17.11
C VAL B 70 3.85 -24.64 15.67
N VAL B 71 3.18 -25.24 14.69
CA VAL B 71 3.41 -24.91 13.28
C VAL B 71 2.51 -23.74 12.90
N TYR B 72 3.12 -22.64 12.47
CA TYR B 72 2.40 -21.51 12.00
C TYR B 72 2.58 -21.42 10.49
N SER B 73 1.51 -21.02 9.78
CA SER B 73 1.67 -20.55 8.42
C SER B 73 2.30 -19.16 8.49
N ASP B 74 3.26 -18.87 7.60
CA ASP B 74 3.80 -17.53 7.51
C ASP B 74 2.68 -16.51 7.23
N ALA B 75 1.63 -16.92 6.52
CA ALA B 75 0.51 -16.00 6.21
C ALA B 75 -0.17 -15.47 7.49
N ASP B 76 -0.07 -16.18 8.61
CA ASP B 76 -0.68 -15.75 9.88
C ASP B 76 0.32 -14.97 10.75
N LEU B 77 1.49 -14.62 10.20
CA LEU B 77 2.54 -13.95 10.96
C LEU B 77 2.92 -12.62 10.30
N LYS B 78 1.96 -11.94 9.66
CA LYS B 78 2.27 -10.76 8.90
C LYS B 78 1.99 -9.47 9.70
N GLU B 79 1.25 -9.61 10.80
CA GLU B 79 0.93 -8.54 11.69
C GLU B 79 2.22 -7.97 12.30
N GLU B 80 2.35 -6.64 12.28
CA GLU B 80 3.57 -5.94 12.66
C GLU B 80 3.98 -6.33 14.09
N GLY B 81 5.21 -6.83 14.21
CA GLY B 81 5.82 -7.12 15.50
C GLY B 81 5.35 -8.42 16.13
N LYS B 82 4.44 -9.16 15.49
CA LYS B 82 3.79 -10.32 16.11
C LYS B 82 4.78 -11.47 16.24
N PHE B 83 5.45 -11.79 15.12
CA PHE B 83 6.46 -12.82 15.13
C PHE B 83 7.63 -12.43 16.03
N LEU B 84 8.09 -11.19 15.94
CA LEU B 84 9.17 -10.71 16.80
C LEU B 84 8.89 -11.07 18.28
N GLN B 85 7.67 -10.83 18.76
CA GLN B 85 7.36 -11.10 20.16
C GLN B 85 7.41 -12.61 20.42
N LEU B 86 6.85 -13.42 19.50
CA LEU B 86 6.88 -14.88 19.64
C LEU B 86 8.34 -15.36 19.71
N MET B 87 9.21 -14.81 18.87
CA MET B 87 10.60 -15.30 18.77
C MET B 87 11.44 -14.85 19.99
N GLN B 88 11.07 -13.71 20.58
CA GLN B 88 11.72 -13.20 21.79
C GLN B 88 11.38 -14.09 23.00
N GLU B 89 10.25 -14.78 22.98
CA GLU B 89 9.76 -15.49 24.16
C GLU B 89 9.85 -17.01 24.00
N SER B 90 10.11 -17.51 22.79
CA SER B 90 10.09 -18.96 22.60
C SER B 90 11.25 -19.62 23.37
N LYS B 91 10.98 -20.82 23.90
CA LYS B 91 11.95 -21.68 24.57
C LYS B 91 13.11 -21.94 23.63
N ASN B 92 12.78 -22.25 22.38
CA ASN B 92 13.70 -22.66 21.34
C ASN B 92 13.66 -21.64 20.21
N LEU B 93 14.77 -21.55 19.47
CA LEU B 93 14.82 -20.80 18.24
C LEU B 93 13.79 -21.37 17.27
N PRO B 94 12.97 -20.56 16.57
CA PRO B 94 12.07 -21.10 15.55
C PRO B 94 12.81 -21.83 14.40
N LYS B 95 12.08 -22.70 13.70
CA LYS B 95 12.59 -23.41 12.52
C LYS B 95 11.63 -23.21 11.34
N THR B 96 12.18 -22.87 10.18
CA THR B 96 11.37 -22.59 9.02
C THR B 96 11.28 -23.86 8.18
N SER B 97 10.24 -23.95 7.34
CA SER B 97 10.05 -25.00 6.34
C SER B 97 9.52 -24.41 5.04
N GLN B 98 10.01 -24.96 3.93
CA GLN B 98 9.56 -24.64 2.58
C GLN B 98 8.13 -25.11 2.44
N PRO B 99 7.35 -24.66 1.43
CA PRO B 99 5.98 -25.16 1.25
C PRO B 99 5.99 -26.59 0.71
N PRO B 100 5.00 -27.45 1.05
CA PRO B 100 4.91 -28.78 0.45
C PRO B 100 4.68 -28.71 -1.06
N VAL B 101 5.21 -29.70 -1.79
CA VAL B 101 5.01 -29.86 -3.22
C VAL B 101 3.50 -29.85 -3.56
N GLY B 102 2.69 -30.52 -2.73
CA GLY B 102 1.24 -30.58 -2.94
C GLY B 102 0.55 -29.22 -2.91
N VAL B 103 1.01 -28.32 -2.05
CA VAL B 103 0.42 -26.97 -1.96
C VAL B 103 0.68 -26.21 -3.26
N PHE B 104 1.90 -26.30 -3.80
CA PHE B 104 2.25 -25.69 -5.07
C PHE B 104 1.37 -26.29 -6.19
N ALA B 105 1.30 -27.63 -6.22
CA ALA B 105 0.59 -28.32 -7.31
C ALA B 105 -0.87 -27.86 -7.32
N GLU B 106 -1.49 -27.84 -6.13
CA GLU B 106 -2.92 -27.44 -5.98
C GLU B 106 -3.12 -25.97 -6.39
N ILE B 107 -2.21 -25.07 -6.00
CA ILE B 107 -2.38 -23.65 -6.31
C ILE B 107 -2.24 -23.46 -7.83
N PHE B 108 -1.21 -24.06 -8.43
CA PHE B 108 -1.05 -23.97 -9.84
C PHE B 108 -2.31 -24.49 -10.57
N GLU B 109 -2.90 -25.60 -10.06
CA GLU B 109 -4.11 -26.20 -10.70
C GLU B 109 -5.28 -25.21 -10.67
N ASP B 110 -5.51 -24.58 -9.51
CA ASP B 110 -6.61 -23.66 -9.31
C ASP B 110 -6.41 -22.39 -10.17
N LEU B 111 -5.17 -21.91 -10.29
CA LEU B 111 -4.88 -20.69 -11.04
C LEU B 111 -5.03 -20.89 -12.55
N CYS B 112 -4.78 -22.11 -13.03
CA CYS B 112 -4.76 -22.37 -14.48
C CYS B 112 -6.16 -22.67 -15.05
N LYS B 113 -7.19 -22.71 -14.20
N LYS B 113 -7.16 -22.77 -14.16
CA LYS B 113 -8.57 -23.03 -14.60
CA LYS B 113 -8.59 -22.95 -14.50
C LYS B 113 -9.14 -21.98 -15.57
C LYS B 113 -9.00 -22.04 -15.66
N ASP B 114 -8.55 -20.77 -15.63
CA ASP B 114 -8.92 -19.79 -16.65
C ASP B 114 -8.17 -20.03 -17.98
N GLY B 115 -7.31 -21.06 -18.04
CA GLY B 115 -6.56 -21.39 -19.24
C GLY B 115 -5.42 -20.41 -19.50
N GLY B 116 -4.85 -19.85 -18.43
CA GLY B 116 -3.70 -18.95 -18.53
C GLY B 116 -2.41 -19.63 -18.08
N GLN B 117 -1.30 -18.99 -18.43
CA GLN B 117 0.02 -19.42 -18.02
C GLN B 117 0.33 -18.85 -16.63
N ILE B 118 1.26 -19.50 -15.92
CA ILE B 118 1.70 -19.06 -14.58
C ILE B 118 3.22 -18.87 -14.61
N LEU B 119 3.68 -17.74 -14.07
CA LEU B 119 5.08 -17.44 -13.84
C LEU B 119 5.27 -17.30 -12.32
N ALA B 120 6.06 -18.22 -11.75
CA ALA B 120 6.37 -18.27 -10.33
C ALA B 120 7.82 -17.83 -10.13
N ILE B 121 8.00 -16.81 -9.30
CA ILE B 121 9.27 -16.19 -9.08
C ILE B 121 9.56 -16.37 -7.59
N HIS B 122 10.70 -16.98 -7.28
CA HIS B 122 10.95 -17.49 -5.94
C HIS B 122 12.32 -17.04 -5.40
N MET B 123 12.42 -17.15 -4.09
CA MET B 123 13.67 -16.96 -3.35
C MET B 123 14.75 -17.91 -3.87
N SER B 124 16.02 -17.46 -3.79
CA SER B 124 17.21 -18.20 -4.21
C SER B 124 17.18 -19.61 -3.67
N HIS B 125 17.49 -20.57 -4.55
CA HIS B 125 17.78 -21.94 -4.21
C HIS B 125 18.89 -22.04 -3.14
N ALA B 126 19.76 -21.03 -3.04
CA ALA B 126 20.85 -21.03 -2.06
C ALA B 126 20.29 -20.91 -0.64
N LEU B 127 19.10 -20.32 -0.48
CA LEU B 127 18.52 -20.05 0.85
C LEU B 127 17.50 -21.13 1.26
N SER B 128 16.85 -21.75 0.27
CA SER B 128 15.68 -22.57 0.54
C SER B 128 15.42 -23.50 -0.64
N GLY B 129 14.85 -24.67 -0.34
CA GLY B 129 14.31 -25.57 -1.32
C GLY B 129 12.97 -25.12 -1.91
N THR B 130 12.51 -23.91 -1.58
CA THR B 130 11.19 -23.43 -2.01
C THR B 130 11.04 -23.50 -3.56
N VAL B 131 12.02 -22.95 -4.27
CA VAL B 131 11.96 -22.90 -5.73
C VAL B 131 11.93 -24.33 -6.31
N GLU B 132 12.65 -25.26 -5.70
CA GLU B 132 12.66 -26.63 -6.19
C GLU B 132 11.30 -27.29 -5.96
N ALA B 133 10.65 -26.97 -4.85
CA ALA B 133 9.31 -27.44 -4.60
C ALA B 133 8.30 -26.86 -5.62
N ALA B 134 8.52 -25.62 -6.05
CA ALA B 134 7.69 -24.99 -7.06
C ALA B 134 7.82 -25.77 -8.40
N ARG B 135 9.05 -26.14 -8.76
CA ARG B 135 9.32 -26.92 -9.98
C ARG B 135 8.63 -28.30 -9.93
N GLN B 136 8.79 -28.99 -8.80
CA GLN B 136 8.15 -30.29 -8.61
C GLN B 136 6.62 -30.16 -8.69
N GLY B 137 6.05 -29.14 -8.05
CA GLY B 137 4.59 -28.93 -8.05
C GLY B 137 4.06 -28.63 -9.45
N ALA B 138 4.84 -27.87 -10.23
CA ALA B 138 4.53 -27.55 -11.63
C ALA B 138 4.58 -28.84 -12.49
N SER B 139 5.58 -29.69 -12.26
N SER B 139 5.59 -29.69 -12.27
CA SER B 139 5.70 -30.95 -13.02
CA SER B 139 5.69 -30.94 -13.01
C SER B 139 4.47 -31.84 -12.78
C SER B 139 4.42 -31.78 -12.82
N LEU B 140 3.81 -31.67 -11.63
CA LEU B 140 2.63 -32.48 -11.24
C LEU B 140 1.33 -31.88 -11.78
N SER B 141 1.39 -30.64 -12.28
CA SER B 141 0.22 -29.89 -12.66
C SER B 141 0.04 -29.97 -14.18
N THR B 142 -1.18 -29.71 -14.64
CA THR B 142 -1.47 -29.63 -16.07
C THR B 142 -1.21 -28.19 -16.57
N ALA B 143 -1.01 -27.27 -15.63
CA ALA B 143 -0.83 -25.89 -15.97
C ALA B 143 0.50 -25.72 -16.71
N ASP B 144 0.57 -24.71 -17.58
CA ASP B 144 1.81 -24.23 -18.14
C ASP B 144 2.40 -23.26 -17.11
N VAL B 145 3.39 -23.73 -16.34
CA VAL B 145 3.99 -22.96 -15.26
C VAL B 145 5.48 -22.78 -15.57
N ILE B 146 5.94 -21.53 -15.63
CA ILE B 146 7.34 -21.21 -15.66
C ILE B 146 7.75 -20.83 -14.22
N VAL B 147 8.88 -21.36 -13.78
CA VAL B 147 9.38 -21.20 -12.41
C VAL B 147 10.78 -20.61 -12.51
N VAL B 148 10.99 -19.40 -11.95
CA VAL B 148 12.31 -18.75 -12.00
C VAL B 148 12.79 -18.44 -10.57
N ASP B 149 14.09 -18.62 -10.38
CA ASP B 149 14.82 -18.31 -9.17
C ASP B 149 15.24 -16.85 -9.28
N SER B 150 14.71 -15.98 -8.40
CA SER B 150 15.05 -14.52 -8.36
C SER B 150 16.53 -14.26 -8.05
N SER B 151 17.20 -15.20 -7.39
CA SER B 151 18.55 -15.06 -6.81
C SER B 151 18.54 -14.18 -5.55
N PHE B 152 17.35 -13.80 -5.04
CA PHE B 152 17.26 -12.95 -3.84
C PHE B 152 16.14 -13.45 -2.92
N THR B 153 15.59 -12.50 -2.16
CA THR B 153 14.46 -12.68 -1.27
C THR B 153 14.00 -11.28 -0.87
N ASP B 154 13.06 -11.20 0.08
CA ASP B 154 12.67 -9.93 0.74
C ASP B 154 12.22 -8.93 -0.34
N GLN B 155 12.63 -7.65 -0.24
CA GLN B 155 12.09 -6.63 -1.18
C GLN B 155 12.80 -6.72 -2.54
N ALA B 156 13.95 -7.42 -2.62
CA ALA B 156 14.64 -7.59 -3.94
C ALA B 156 13.87 -8.61 -4.81
N LEU B 157 13.31 -9.65 -4.17
CA LEU B 157 12.35 -10.55 -4.82
C LEU B 157 11.12 -9.74 -5.25
N LYS B 158 10.67 -8.84 -4.36
CA LYS B 158 9.54 -7.95 -4.57
C LYS B 158 9.70 -7.21 -5.91
N PHE B 159 10.85 -6.62 -6.15
CA PHE B 159 11.05 -5.85 -7.38
C PHE B 159 10.64 -6.70 -8.61
N GLN B 160 11.12 -7.94 -8.68
CA GLN B 160 10.84 -8.85 -9.82
C GLN B 160 9.34 -9.22 -9.89
N VAL B 161 8.76 -9.53 -8.73
CA VAL B 161 7.39 -9.99 -8.65
C VAL B 161 6.43 -8.88 -9.07
N VAL B 162 6.66 -7.66 -8.57
CA VAL B 162 5.79 -6.51 -8.79
C VAL B 162 5.88 -6.06 -10.26
N GLU B 163 7.09 -6.06 -10.83
CA GLU B 163 7.28 -5.68 -12.23
C GLU B 163 6.66 -6.76 -13.14
N ALA B 164 6.79 -8.03 -12.76
CA ALA B 164 6.16 -9.15 -13.49
C ALA B 164 4.64 -8.94 -13.52
N ALA B 165 4.05 -8.61 -12.37
CA ALA B 165 2.61 -8.52 -12.19
C ALA B 165 2.02 -7.28 -12.87
N LYS B 166 2.78 -6.19 -12.86
CA LYS B 166 2.36 -4.98 -13.55
C LYS B 166 2.28 -5.29 -15.05
N LEU B 167 3.32 -5.92 -15.62
CA LEU B 167 3.34 -6.26 -17.05
C LEU B 167 2.28 -7.33 -17.39
N ALA B 168 2.14 -8.35 -16.54
CA ALA B 168 1.14 -9.39 -16.77
C ALA B 168 -0.26 -8.75 -16.88
N GLN B 169 -0.52 -7.75 -16.02
CA GLN B 169 -1.80 -7.10 -15.91
C GLN B 169 -2.04 -6.19 -17.12
N GLU B 170 -0.96 -5.74 -17.77
CA GLU B 170 -1.07 -5.00 -19.00
C GLU B 170 -1.20 -5.94 -20.20
N GLY B 171 -1.31 -7.26 -19.98
CA GLY B 171 -1.47 -8.23 -21.06
C GLY B 171 -0.17 -8.57 -21.81
N LYS B 172 1.01 -8.27 -21.25
CA LYS B 172 2.27 -8.71 -21.89
C LYS B 172 2.37 -10.25 -21.88
N ASP B 173 3.13 -10.79 -22.84
CA ASP B 173 3.27 -12.23 -23.04
C ASP B 173 4.50 -12.70 -22.26
N MET B 174 4.66 -14.02 -22.16
CA MET B 174 5.61 -14.62 -21.23
C MET B 174 7.03 -14.15 -21.55
N GLU B 175 7.41 -14.13 -22.82
CA GLU B 175 8.79 -13.88 -23.21
C GLU B 175 9.14 -12.43 -22.89
N ALA B 176 8.14 -11.56 -23.00
CA ALA B 176 8.30 -10.18 -22.64
C ALA B 176 8.48 -10.06 -21.12
N ILE B 177 7.57 -10.69 -20.35
CA ILE B 177 7.69 -10.61 -18.90
C ILE B 177 9.08 -11.12 -18.48
N LEU B 178 9.52 -12.28 -18.98
CA LEU B 178 10.79 -12.90 -18.56
C LEU B 178 11.99 -12.01 -18.88
N SER B 179 11.97 -11.36 -20.03
CA SER B 179 13.05 -10.46 -20.43
C SER B 179 13.19 -9.31 -19.41
N HIS B 180 12.07 -8.68 -19.05
CA HIS B 180 12.03 -7.57 -18.11
C HIS B 180 12.44 -8.03 -16.70
N VAL B 181 11.96 -9.20 -16.26
CA VAL B 181 12.31 -9.76 -14.95
C VAL B 181 13.84 -9.98 -14.85
N GLU B 182 14.46 -10.56 -15.89
CA GLU B 182 15.90 -10.74 -15.96
C GLU B 182 16.62 -9.37 -15.84
N GLU B 183 16.10 -8.33 -16.50
CA GLU B 183 16.68 -6.99 -16.46
C GLU B 183 16.58 -6.39 -15.05
N VAL B 184 15.42 -6.52 -14.41
CA VAL B 184 15.25 -6.06 -13.07
C VAL B 184 16.28 -6.78 -12.17
N LYS B 185 16.39 -8.10 -12.31
CA LYS B 185 17.33 -8.91 -11.51
C LYS B 185 18.77 -8.40 -11.64
N ASN B 186 19.18 -8.09 -12.89
CA ASN B 186 20.57 -7.71 -13.17
C ASN B 186 20.82 -6.25 -12.82
N HIS B 187 19.79 -5.51 -12.44
CA HIS B 187 19.93 -4.16 -11.99
C HIS B 187 19.64 -4.03 -10.49
N THR B 188 19.60 -5.16 -9.79
CA THR B 188 19.28 -5.14 -8.35
C THR B 188 20.52 -5.41 -7.50
N GLU B 189 20.62 -4.70 -6.36
CA GLU B 189 21.57 -5.04 -5.33
C GLU B 189 20.82 -5.27 -4.02
N LEU B 190 21.34 -6.23 -3.23
CA LEU B 190 20.86 -6.55 -1.88
C LEU B 190 22.03 -6.47 -0.88
N TYR B 191 21.89 -5.61 0.14
CA TYR B 191 22.81 -5.56 1.23
C TYR B 191 22.08 -5.95 2.51
N ILE B 192 22.74 -6.71 3.37
CA ILE B 192 22.11 -7.11 4.65
C ILE B 192 23.10 -6.83 5.78
N GLY B 193 22.58 -6.28 6.88
CA GLY B 193 23.34 -6.17 8.11
C GLY B 193 22.70 -7.01 9.19
N VAL B 194 23.52 -7.76 9.91
CA VAL B 194 23.13 -8.55 11.09
C VAL B 194 23.89 -8.06 12.33
N SER B 195 23.24 -8.21 13.49
CA SER B 195 23.84 -7.79 14.75
C SER B 195 24.37 -8.99 15.55
N THR B 196 24.06 -10.20 15.09
CA THR B 196 24.60 -11.44 15.59
C THR B 196 24.65 -12.42 14.43
N LEU B 197 25.57 -13.39 14.53
CA LEU B 197 25.68 -14.51 13.60
C LEU B 197 24.96 -15.76 14.14
N GLU B 198 24.45 -15.72 15.36
CA GLU B 198 23.97 -16.99 15.95
C GLU B 198 22.81 -17.58 15.12
N ASN B 199 21.84 -16.75 14.73
CA ASN B 199 20.67 -17.27 14.02
C ASN B 199 21.12 -17.85 12.67
N LEU B 200 22.11 -17.23 12.03
CA LEU B 200 22.62 -17.71 10.75
C LEU B 200 23.33 -19.05 10.91
N VAL B 201 24.08 -19.22 12.01
CA VAL B 201 24.74 -20.47 12.28
C VAL B 201 23.71 -21.54 12.61
N LYS B 202 22.78 -21.27 13.53
CA LYS B 202 21.89 -22.32 13.99
C LYS B 202 20.91 -22.74 12.89
N GLY B 203 20.55 -21.81 12.01
CA GLY B 203 19.59 -22.10 10.93
C GLY B 203 20.25 -22.64 9.66
N GLY B 204 21.60 -22.68 9.64
CA GLY B 204 22.37 -23.37 8.57
C GLY B 204 22.82 -22.48 7.41
N ARG B 205 22.27 -21.27 7.28
CA ARG B 205 22.55 -20.44 6.07
C ARG B 205 23.89 -19.70 6.22
N ILE B 206 24.56 -19.87 7.37
CA ILE B 206 25.99 -19.45 7.48
C ILE B 206 26.80 -20.12 6.37
N GLY B 207 26.40 -21.33 5.95
CA GLY B 207 27.00 -22.09 4.85
C GLY B 207 27.12 -21.33 3.54
N ARG B 208 26.30 -20.29 3.33
CA ARG B 208 26.27 -19.49 2.10
C ARG B 208 27.04 -18.17 2.25
N VAL B 209 27.61 -17.89 3.43
CA VAL B 209 28.49 -16.75 3.58
C VAL B 209 29.89 -17.19 3.16
N THR B 210 30.52 -16.43 2.25
CA THR B 210 31.81 -16.81 1.65
C THR B 210 32.98 -16.18 2.41
N GLY B 211 33.80 -17.04 3.04
CA GLY B 211 35.06 -16.66 3.67
C GLY B 211 34.90 -15.71 4.87
N LEU B 212 33.73 -15.67 5.52
CA LEU B 212 33.62 -15.00 6.83
C LEU B 212 34.38 -15.88 7.84
N LEU B 213 35.33 -15.29 8.55
CA LEU B 213 35.89 -16.01 9.67
C LEU B 213 35.83 -15.09 10.90
N SER B 214 34.99 -15.46 11.86
CA SER B 214 34.81 -14.69 13.08
C SER B 214 35.03 -15.61 14.27
N SER B 215 35.82 -15.14 15.24
CA SER B 215 35.95 -15.78 16.50
C SER B 215 34.76 -15.44 17.41
N LEU B 216 33.83 -14.61 16.94
CA LEU B 216 32.69 -14.19 17.73
C LEU B 216 31.40 -14.34 16.93
N LEU B 217 30.33 -14.68 17.65
CA LEU B 217 28.97 -14.65 17.09
C LEU B 217 28.31 -13.27 17.26
N ASN B 218 28.55 -12.63 18.41
CA ASN B 218 27.95 -11.36 18.70
C ASN B 218 28.82 -10.25 18.11
N ILE B 219 28.58 -10.00 16.83
CA ILE B 219 29.31 -9.04 16.06
C ILE B 219 28.37 -8.53 14.98
N ARG B 220 28.60 -7.29 14.52
CA ARG B 220 27.90 -6.65 13.41
C ARG B 220 28.60 -7.00 12.11
N VAL B 221 27.82 -7.48 11.12
CA VAL B 221 28.37 -7.87 9.83
C VAL B 221 27.46 -7.29 8.74
N VAL B 222 28.09 -6.71 7.70
CA VAL B 222 27.37 -6.30 6.53
C VAL B 222 27.78 -7.23 5.38
N MET B 223 26.81 -7.81 4.68
CA MET B 223 27.08 -8.69 3.55
C MET B 223 26.33 -8.19 2.30
N GLN B 224 26.87 -8.52 1.13
CA GLN B 224 26.16 -8.36 -0.14
C GLN B 224 25.72 -9.76 -0.60
N MET B 225 24.43 -9.90 -0.96
CA MET B 225 23.97 -11.12 -1.62
C MET B 225 24.13 -10.94 -3.13
N LYS B 226 24.97 -11.79 -3.73
CA LYS B 226 25.36 -11.64 -5.12
C LYS B 226 25.68 -13.02 -5.65
N ASP B 227 25.09 -13.37 -6.82
CA ASP B 227 25.28 -14.67 -7.46
C ASP B 227 25.02 -15.79 -6.44
N HIS B 228 23.95 -15.65 -5.66
CA HIS B 228 23.45 -16.67 -4.71
C HIS B 228 24.42 -16.85 -3.52
N GLU B 229 25.27 -15.87 -3.24
CA GLU B 229 26.18 -15.96 -2.12
C GLU B 229 26.00 -14.74 -1.23
N LEU B 230 26.27 -14.94 0.05
CA LEU B 230 26.42 -13.83 1.00
C LEU B 230 27.90 -13.45 1.11
N GLN B 231 28.27 -12.29 0.57
CA GLN B 231 29.66 -11.90 0.54
C GLN B 231 29.88 -10.81 1.59
N PRO B 232 30.67 -11.09 2.65
CA PRO B 232 30.90 -10.09 3.69
C PRO B 232 31.60 -8.84 3.14
N MET B 233 31.19 -7.67 3.59
CA MET B 233 31.79 -6.42 3.15
C MET B 233 32.54 -5.78 4.31
N VAL B 234 32.05 -5.96 5.53
CA VAL B 234 32.72 -5.43 6.69
C VAL B 234 32.17 -6.17 7.91
N LYS B 235 33.00 -6.27 8.94
CA LYS B 235 32.52 -6.70 10.24
C LYS B 235 33.14 -5.82 11.34
N GLY B 236 32.45 -5.73 12.47
CA GLY B 236 32.97 -4.95 13.57
C GLY B 236 32.05 -5.03 14.77
N ARG B 237 32.62 -4.97 15.97
CA ARG B 237 31.82 -5.06 17.20
C ARG B 237 31.08 -3.75 17.43
N GLY B 238 31.73 -2.66 17.01
CA GLY B 238 31.36 -1.36 17.40
C GLY B 238 30.01 -0.93 16.84
N THR B 239 29.42 0.04 17.55
CA THR B 239 28.10 0.52 17.28
C THR B 239 28.06 1.40 16.03
N LYS B 240 29.22 1.76 15.45
CA LYS B 240 29.31 2.58 14.22
C LYS B 240 29.58 1.75 12.96
N THR B 241 29.65 0.43 13.05
CA THR B 241 29.95 -0.43 11.92
C THR B 241 28.96 -0.17 10.77
N PHE B 242 27.66 -0.10 11.10
CA PHE B 242 26.63 0.13 10.08
C PHE B 242 26.72 1.55 9.50
N LYS B 243 26.90 2.56 10.37
CA LYS B 243 26.79 3.97 9.98
C LYS B 243 27.94 4.33 9.03
N LYS B 244 29.15 3.79 9.27
CA LYS B 244 30.33 3.99 8.43
C LYS B 244 30.10 3.33 7.06
N TRP B 245 29.61 2.09 7.08
CA TRP B 245 29.28 1.41 5.86
C TRP B 245 28.24 2.24 5.06
N LEU B 246 27.20 2.76 5.72
CA LEU B 246 26.11 3.50 5.03
C LEU B 246 26.71 4.72 4.29
N ASP B 247 27.61 5.45 4.97
CA ASP B 247 28.33 6.63 4.43
C ASP B 247 29.04 6.26 3.12
N GLU B 248 29.74 5.13 3.08
CA GLU B 248 30.42 4.73 1.88
C GLU B 248 29.40 4.44 0.79
N LEU B 249 28.34 3.70 1.15
CA LEU B 249 27.29 3.42 0.16
C LEU B 249 26.78 4.74 -0.42
N ILE B 250 26.44 5.69 0.45
CA ILE B 250 25.79 6.92 0.04
C ILE B 250 26.70 7.70 -0.92
N THR B 251 28.00 7.76 -0.59
CA THR B 251 28.99 8.36 -1.49
C THR B 251 28.87 7.74 -2.88
N SER B 252 28.76 6.41 -2.94
CA SER B 252 28.77 5.70 -4.22
C SER B 252 27.44 5.86 -5.00
N LEU B 253 26.35 6.28 -4.34
CA LEU B 253 25.00 6.48 -4.99
C LEU B 253 24.85 7.83 -5.70
N SER B 254 25.78 8.76 -5.45
CA SER B 254 25.71 10.10 -6.02
C SER B 254 25.80 10.07 -7.55
N GLU B 255 26.52 9.07 -8.11
CA GLU B 255 26.77 9.00 -9.54
C GLU B 255 25.82 8.00 -10.22
N ARG B 256 24.74 7.56 -9.55
CA ARG B 256 23.88 6.49 -10.07
C ARG B 256 22.43 6.97 -10.17
N ALA B 257 21.75 6.46 -11.20
CA ALA B 257 20.32 6.65 -11.42
C ALA B 257 19.57 5.50 -10.74
N VAL B 258 18.81 5.83 -9.70
CA VAL B 258 18.17 4.84 -8.84
C VAL B 258 16.67 4.85 -9.12
N ALA B 259 16.09 3.66 -9.33
CA ALA B 259 14.68 3.52 -9.57
C ALA B 259 13.90 3.37 -8.26
N GLU B 260 14.37 2.46 -7.39
CA GLU B 260 13.75 2.34 -6.08
C GLU B 260 14.78 1.87 -5.05
N ILE B 261 14.47 2.19 -3.80
CA ILE B 261 15.12 1.69 -2.65
C ILE B 261 14.04 1.23 -1.71
N GLY B 262 14.19 0.00 -1.22
CA GLY B 262 13.45 -0.51 -0.09
C GLY B 262 14.39 -0.76 1.07
N ILE B 263 13.86 -0.70 2.28
CA ILE B 263 14.62 -0.96 3.45
C ILE B 263 13.79 -1.93 4.27
N SER B 264 14.42 -3.01 4.74
CA SER B 264 13.71 -3.96 5.60
C SER B 264 14.41 -4.05 6.95
N TYR B 265 13.68 -4.47 7.99
CA TYR B 265 14.30 -4.55 9.28
C TYR B 265 13.68 -5.69 10.09
N SER B 266 14.43 -6.12 11.10
CA SER B 266 13.92 -6.88 12.18
C SER B 266 14.20 -6.12 13.49
N GLY B 267 13.35 -6.34 14.48
CA GLY B 267 13.33 -5.60 15.72
C GLY B 267 12.69 -4.24 15.52
N SER B 268 13.17 -3.26 16.26
CA SER B 268 12.60 -1.94 16.18
C SER B 268 13.05 -1.29 14.86
N ASP B 269 12.27 -0.33 14.38
CA ASP B 269 12.46 0.31 13.08
C ASP B 269 13.38 1.53 13.15
N ASP B 270 13.95 1.86 14.32
CA ASP B 270 14.69 3.15 14.53
C ASP B 270 15.80 3.30 13.50
N TRP B 271 16.68 2.29 13.43
CA TRP B 271 17.82 2.35 12.50
C TRP B 271 17.35 2.40 11.04
N ALA B 272 16.35 1.56 10.70
CA ALA B 272 15.72 1.59 9.34
C ALA B 272 15.27 2.99 8.96
N LYS B 273 14.60 3.66 9.91
N LYS B 273 14.59 3.66 9.90
CA LYS B 273 14.05 5.00 9.66
CA LYS B 273 14.05 5.01 9.69
C LYS B 273 15.18 6.02 9.54
C LYS B 273 15.20 6.00 9.53
N GLU B 274 16.29 5.80 10.27
CA GLU B 274 17.46 6.66 10.13
C GLU B 274 18.07 6.51 8.74
N MET B 275 18.18 5.27 8.25
CA MET B 275 18.76 5.01 6.94
C MET B 275 17.88 5.66 5.86
N LYS B 276 16.57 5.55 6.05
CA LYS B 276 15.60 6.13 5.10
C LYS B 276 15.85 7.64 4.93
N GLU B 277 15.98 8.34 6.05
CA GLU B 277 16.17 9.79 6.07
C GLU B 277 17.45 10.16 5.30
N SER B 278 18.48 9.31 5.33
CA SER B 278 19.73 9.51 4.56
C SER B 278 19.65 9.08 3.08
N LEU B 279 18.83 8.09 2.74
CA LEU B 279 18.85 7.53 1.38
C LEU B 279 17.74 8.13 0.49
N GLN B 280 16.68 8.69 1.10
CA GLN B 280 15.47 9.23 0.35
C GLN B 280 15.88 10.30 -0.69
N ALA B 281 16.89 11.11 -0.39
CA ALA B 281 17.38 12.14 -1.34
C ALA B 281 17.89 11.52 -2.65
N TYR B 282 18.24 10.24 -2.67
CA TYR B 282 18.87 9.64 -3.86
C TYR B 282 17.86 8.89 -4.71
N VAL B 283 16.56 8.97 -4.39
CA VAL B 283 15.57 8.30 -5.22
C VAL B 283 14.25 9.05 -5.14
N GLU B 284 13.60 9.25 -6.30
CA GLU B 284 12.36 10.00 -6.34
C GLU B 284 11.24 9.23 -5.61
N LYS B 285 11.09 7.94 -5.96
CA LYS B 285 10.02 7.10 -5.40
C LYS B 285 10.19 7.00 -3.87
N PRO B 286 9.14 7.26 -3.08
CA PRO B 286 9.20 7.08 -1.63
C PRO B 286 9.73 5.68 -1.23
N ILE B 287 10.61 5.66 -0.23
CA ILE B 287 11.22 4.40 0.17
C ILE B 287 10.23 3.62 1.01
N SER B 288 10.09 2.33 0.70
CA SER B 288 9.28 1.46 1.56
C SER B 288 10.18 0.83 2.64
N VAL B 289 9.79 1.07 3.89
CA VAL B 289 10.45 0.58 5.09
C VAL B 289 9.53 -0.45 5.74
N LEU B 290 9.91 -1.70 5.61
CA LEU B 290 9.03 -2.80 6.00
C LEU B 290 9.73 -3.74 6.97
N GLU B 291 8.99 -4.19 7.99
CA GLU B 291 9.44 -5.24 8.82
C GLU B 291 9.51 -6.50 7.94
N THR B 292 10.63 -7.23 8.00
CA THR B 292 10.84 -8.43 7.22
C THR B 292 9.99 -9.54 7.84
N GLY B 293 9.68 -10.58 7.05
CA GLY B 293 8.80 -11.66 7.48
C GLY B 293 9.49 -12.61 8.43
N SER B 294 8.69 -13.49 9.05
CA SER B 294 9.16 -14.44 10.04
C SER B 294 10.22 -15.39 9.45
N ILE B 295 10.11 -15.68 8.14
CA ILE B 295 11.04 -16.61 7.52
C ILE B 295 12.44 -16.03 7.58
N ILE B 296 12.58 -14.74 7.27
CA ILE B 296 13.85 -14.12 7.30
C ILE B 296 14.29 -13.82 8.74
N GLN B 297 13.39 -13.33 9.58
CA GLN B 297 13.71 -12.97 10.96
C GLN B 297 14.36 -14.16 11.67
N THR B 298 13.82 -15.36 11.44
CA THR B 298 14.31 -16.58 12.09
C THR B 298 15.82 -16.79 11.82
N HIS B 299 16.28 -16.46 10.61
CA HIS B 299 17.64 -16.71 10.19
C HIS B 299 18.58 -15.52 10.46
N THR B 300 18.05 -14.30 10.54
CA THR B 300 18.87 -13.10 10.73
C THR B 300 18.99 -12.74 12.21
N GLY B 301 17.95 -13.07 12.97
CA GLY B 301 17.80 -12.55 14.31
C GLY B 301 17.36 -11.10 14.30
N GLU B 302 17.23 -10.56 15.51
CA GLU B 302 16.72 -9.23 15.76
C GLU B 302 17.80 -8.19 15.43
N ASN B 303 17.38 -6.95 15.11
CA ASN B 303 18.28 -5.82 14.80
C ASN B 303 19.12 -6.13 13.57
N ALA B 304 18.50 -6.77 12.58
CA ALA B 304 19.04 -6.87 11.24
C ALA B 304 18.30 -5.87 10.36
N TRP B 305 18.86 -5.62 9.19
CA TRP B 305 18.33 -4.67 8.24
C TRP B 305 18.76 -5.09 6.81
N ALA B 306 18.01 -4.64 5.79
CA ALA B 306 18.44 -4.80 4.41
C ALA B 306 18.19 -3.50 3.66
N ILE B 307 19.08 -3.22 2.71
CA ILE B 307 18.90 -2.18 1.74
C ILE B 307 18.86 -2.87 0.38
N LEU B 308 17.73 -2.68 -0.32
CA LEU B 308 17.41 -3.26 -1.58
C LEU B 308 17.33 -2.12 -2.60
N ILE B 309 18.17 -2.18 -3.62
CA ILE B 309 18.31 -1.09 -4.57
C ILE B 309 18.06 -1.63 -5.97
N ARG B 310 17.18 -0.96 -6.71
CA ARG B 310 17.04 -1.17 -8.12
C ARG B 310 17.44 0.11 -8.85
N TYR B 311 18.42 -0.04 -9.74
CA TYR B 311 18.95 0.99 -10.59
C TYR B 311 18.19 1.02 -11.93
N HIS B 312 18.01 2.23 -12.49
CA HIS B 312 17.53 2.44 -13.90
C HIS B 312 18.52 1.81 -14.87
#